data_8W7R
#
_entry.id   8W7R
#
_cell.length_a   49.499
_cell.length_b   126.747
_cell.length_c   55.037
_cell.angle_alpha   90.000
_cell.angle_beta   111.442
_cell.angle_gamma   90.000
#
_symmetry.space_group_name_H-M   'P 1 21 1'
#
loop_
_entity.id
_entity.type
_entity.pdbx_description
1 polymer Bacteriorhodopsin-I
2 non-polymer GLYCEROL
3 non-polymer 'PENTAETHYLENE GLYCOL'
4 non-polymer '(2R)-2,3-dihydroxypropyl (9Z)-octadec-9-enoate'
5 non-polymer RETINAL
6 water water
#
_entity_poly.entity_id   1
_entity_poly.type   'polypeptide(L)'
_entity_poly.pdbx_seq_one_letter_code
;MAQLALQMSSLGVEGEGIWLALGTIGMLLGMLYFIADGLDVQDPRQKEFYVITILIPAIAAASYLSMFFGFGLTEVSLAN
GRVVDVYWARYADFLFTTPLLLLDIGLLAGASQRDIGALVGIDAFMIVTGLVATLTKVVVARYAFWTISTISMVFLLYYL
VAVFGEAVSDADEDTRSTFNALRNIILVTWAIYPVAWLVGTEGLALTGLYGETLLFMVLDLVAKVGFGFILLRSRAIMGG
GSEPTPSAQETAADLEHHHHHH
;
_entity_poly.pdbx_strand_id   A,B
#
# COMPACT_ATOMS: atom_id res chain seq x y z
N LEU A 11 -28.77 -10.15 6.62
CA LEU A 11 -27.78 -9.04 6.61
C LEU A 11 -26.57 -9.45 5.77
N GLY A 12 -26.07 -8.50 4.97
CA GLY A 12 -25.12 -8.78 3.91
C GLY A 12 -25.85 -9.20 2.63
N VAL A 13 -25.13 -9.92 1.76
CA VAL A 13 -25.63 -10.35 0.47
C VAL A 13 -26.43 -11.65 0.62
N GLU A 14 -25.98 -12.56 1.50
CA GLU A 14 -26.65 -13.84 1.70
C GLU A 14 -26.57 -14.33 3.15
N GLY A 15 -26.60 -13.40 4.12
CA GLY A 15 -26.69 -13.77 5.52
C GLY A 15 -25.34 -13.78 6.26
N GLU A 16 -24.25 -13.43 5.55
CA GLU A 16 -22.92 -13.47 6.13
C GLU A 16 -22.72 -12.36 7.16
N GLY A 17 -23.71 -11.46 7.27
CA GLY A 17 -23.67 -10.40 8.26
C GLY A 17 -23.38 -10.93 9.68
N ILE A 18 -23.98 -12.08 10.02
CA ILE A 18 -23.77 -12.66 11.33
C ILE A 18 -22.27 -12.85 11.60
N TRP A 19 -21.50 -13.32 10.61
CA TRP A 19 -20.08 -13.59 10.84
C TRP A 19 -19.29 -12.28 10.96
N LEU A 20 -19.74 -11.26 10.22
CA LEU A 20 -19.11 -9.94 10.30
C LEU A 20 -19.30 -9.38 11.71
N ALA A 21 -20.54 -9.46 12.21
CA ALA A 21 -20.86 -9.02 13.55
C ALA A 21 -20.02 -9.79 14.57
N LEU A 22 -19.95 -11.13 14.43
CA LEU A 22 -19.22 -11.92 15.41
C LEU A 22 -17.74 -11.57 15.36
N GLY A 23 -17.20 -11.42 14.14
CA GLY A 23 -15.82 -11.00 13.93
C GLY A 23 -15.53 -9.67 14.64
N THR A 24 -16.40 -8.67 14.41
CA THR A 24 -16.30 -7.35 15.03
C THR A 24 -16.23 -7.52 16.55
N ILE A 25 -17.17 -8.30 17.09
CA ILE A 25 -17.29 -8.55 18.51
C ILE A 25 -16.04 -9.23 19.06
N GLY A 26 -15.60 -10.31 18.42
CA GLY A 26 -14.40 -11.04 18.84
C GLY A 26 -13.17 -10.13 18.86
N MET A 27 -12.96 -9.36 17.77
CA MET A 27 -11.82 -8.45 17.68
C MET A 27 -11.93 -7.35 18.74
N LEU A 28 -13.11 -6.73 18.86
CA LEU A 28 -13.30 -5.63 19.78
C LEU A 28 -12.92 -6.06 21.21
N LEU A 29 -13.40 -7.25 21.61
CA LEU A 29 -13.25 -7.73 22.99
C LEU A 29 -11.85 -8.28 23.23
N GLY A 30 -11.25 -8.89 22.18
CA GLY A 30 -9.85 -9.26 22.24
C GLY A 30 -8.95 -8.03 22.45
N MET A 31 -9.28 -6.94 21.75
CA MET A 31 -8.53 -5.69 21.90
C MET A 31 -8.63 -5.18 23.33
N LEU A 32 -9.86 -5.09 23.85
CA LEU A 32 -10.11 -4.52 25.18
C LEU A 32 -9.42 -5.37 26.25
N TYR A 33 -9.44 -6.68 26.05
CA TYR A 33 -8.77 -7.60 26.96
C TYR A 33 -7.27 -7.30 27.00
N PHE A 34 -6.69 -7.06 25.82
CA PHE A 34 -5.26 -6.80 25.69
C PHE A 34 -4.92 -5.42 26.27
N ILE A 35 -5.79 -4.44 26.02
CA ILE A 35 -5.65 -3.13 26.68
C ILE A 35 -5.67 -3.32 28.20
N ALA A 36 -6.63 -4.09 28.71
CA ALA A 36 -6.78 -4.23 30.14
C ALA A 36 -5.52 -4.84 30.75
N ASP A 37 -4.96 -5.86 30.10
CA ASP A 37 -3.85 -6.59 30.69
C ASP A 37 -2.55 -5.80 30.60
N GLY A 38 -2.54 -4.79 29.74
CA GLY A 38 -1.36 -3.96 29.53
C GLY A 38 -1.28 -2.75 30.46
N LEU A 39 -2.32 -2.52 31.26
CA LEU A 39 -2.39 -1.35 32.12
C LEU A 39 -1.19 -1.28 33.07
N ASP A 40 -0.82 -2.44 33.65
CA ASP A 40 0.18 -2.51 34.72
C ASP A 40 1.59 -2.32 34.17
N VAL A 41 1.78 -2.47 32.86
CA VAL A 41 3.10 -2.69 32.30
C VAL A 41 3.85 -1.38 32.18
N GLN A 42 5.14 -1.40 32.60
CA GLN A 42 6.01 -0.23 32.57
C GLN A 42 7.31 -0.56 31.83
N ASP A 43 7.75 -1.82 31.91
CA ASP A 43 8.91 -2.32 31.17
C ASP A 43 8.76 -1.97 29.68
N PRO A 44 9.72 -1.21 29.08
CA PRO A 44 9.56 -0.70 27.71
C PRO A 44 9.41 -1.75 26.62
N ARG A 45 10.17 -2.85 26.73
CA ARG A 45 10.13 -3.95 25.79
C ARG A 45 8.73 -4.57 25.80
N GLN A 46 8.25 -4.91 27.01
CA GLN A 46 6.97 -5.57 27.20
C GLN A 46 5.85 -4.68 26.65
N LYS A 47 6.02 -3.36 26.81
CA LYS A 47 5.07 -2.35 26.38
C LYS A 47 4.99 -2.35 24.85
N GLU A 48 6.11 -2.65 24.18
CA GLU A 48 6.09 -2.69 22.73
C GLU A 48 5.23 -3.86 22.27
N PHE A 49 5.46 -5.03 22.87
CA PHE A 49 4.63 -6.18 22.58
C PHE A 49 3.14 -5.83 22.71
N TYR A 50 2.79 -5.06 23.75
CA TYR A 50 1.39 -4.71 24.01
C TYR A 50 0.83 -3.85 22.89
N VAL A 51 1.57 -2.80 22.52
CA VAL A 51 1.11 -1.85 21.52
C VAL A 51 0.86 -2.58 20.20
N ILE A 52 1.78 -3.47 19.84
CA ILE A 52 1.67 -4.22 18.59
C ILE A 52 0.41 -5.08 18.62
N THR A 53 0.25 -5.85 19.71
CA THR A 53 -0.80 -6.84 19.84
C THR A 53 -2.16 -6.19 20.02
N ILE A 54 -2.22 -4.97 20.58
CA ILE A 54 -3.48 -4.26 20.70
C ILE A 54 -3.93 -3.77 19.31
N LEU A 55 -2.97 -3.19 18.54
CA LEU A 55 -3.20 -2.64 17.22
C LEU A 55 -3.80 -3.67 16.25
N ILE A 56 -3.33 -4.93 16.33
CA ILE A 56 -3.75 -5.98 15.42
C ILE A 56 -5.28 -6.14 15.46
N PRO A 57 -5.89 -6.44 16.62
CA PRO A 57 -7.35 -6.59 16.67
C PRO A 57 -8.10 -5.28 16.46
N ALA A 58 -7.46 -4.14 16.82
CA ALA A 58 -8.06 -2.84 16.57
C ALA A 58 -8.30 -2.65 15.07
N ILE A 59 -7.24 -2.87 14.28
CA ILE A 59 -7.37 -2.71 12.83
C ILE A 59 -8.46 -3.68 12.33
N ALA A 60 -8.43 -4.92 12.82
CA ALA A 60 -9.37 -5.94 12.39
C ALA A 60 -10.81 -5.60 12.80
N ALA A 61 -10.98 -5.08 14.03
CA ALA A 61 -12.26 -4.58 14.49
C ALA A 61 -12.81 -3.53 13.51
N ALA A 62 -11.96 -2.54 13.18
CA ALA A 62 -12.39 -1.46 12.31
C ALA A 62 -12.83 -2.03 10.95
N SER A 63 -12.00 -2.93 10.39
N SER A 63 -12.03 -2.95 10.41
CA SER A 63 -12.30 -3.64 9.16
CA SER A 63 -12.32 -3.63 9.16
C SER A 63 -13.63 -4.41 9.23
C SER A 63 -13.63 -4.41 9.23
N TYR A 64 -13.79 -5.22 10.29
CA TYR A 64 -15.01 -6.00 10.45
C TYR A 64 -16.22 -5.07 10.56
N LEU A 65 -16.12 -4.05 11.41
CA LEU A 65 -17.17 -3.05 11.60
C LEU A 65 -17.59 -2.42 10.27
N SER A 66 -16.60 -2.01 9.47
CA SER A 66 -16.92 -1.34 8.22
C SER A 66 -17.59 -2.31 7.24
N MET A 67 -17.12 -3.57 7.17
CA MET A 67 -17.73 -4.57 6.31
C MET A 67 -19.18 -4.84 6.74
N PHE A 68 -19.39 -4.91 8.06
CA PHE A 68 -20.73 -5.16 8.58
C PHE A 68 -21.70 -4.11 8.07
N PHE A 69 -21.27 -2.84 8.00
CA PHE A 69 -22.12 -1.75 7.54
C PHE A 69 -22.08 -1.60 6.02
N GLY A 70 -21.17 -2.32 5.36
CA GLY A 70 -21.15 -2.36 3.91
C GLY A 70 -20.17 -1.35 3.31
N PHE A 71 -19.22 -0.86 4.12
CA PHE A 71 -18.30 0.15 3.62
C PHE A 71 -17.15 -0.47 2.80
N GLY A 72 -16.82 -1.74 3.07
CA GLY A 72 -15.64 -2.35 2.46
C GLY A 72 -15.97 -3.31 1.32
N LEU A 73 -17.14 -3.12 0.70
CA LEU A 73 -17.71 -4.05 -0.27
C LEU A 73 -17.82 -3.36 -1.63
N THR A 74 -17.43 -4.08 -2.69
CA THR A 74 -17.47 -3.57 -4.05
C THR A 74 -17.80 -4.74 -4.97
N GLU A 75 -18.09 -4.42 -6.24
CA GLU A 75 -18.41 -5.42 -7.25
C GLU A 75 -17.33 -5.41 -8.33
N VAL A 76 -17.05 -6.61 -8.88
CA VAL A 76 -16.06 -6.79 -9.93
C VAL A 76 -16.70 -7.65 -11.01
N SER A 77 -16.94 -7.03 -12.18
CA SER A 77 -17.42 -7.75 -13.35
C SER A 77 -16.24 -8.48 -14.01
N LEU A 78 -16.37 -9.80 -14.13
CA LEU A 78 -15.32 -10.58 -14.76
C LEU A 78 -15.53 -10.56 -16.27
N ALA A 79 -14.49 -10.93 -17.02
CA ALA A 79 -14.49 -10.94 -18.47
C ALA A 79 -15.51 -11.96 -19.00
N ASN A 80 -15.94 -12.90 -18.16
CA ASN A 80 -16.86 -13.97 -18.53
C ASN A 80 -18.28 -13.63 -18.09
N GLY A 81 -18.48 -12.41 -17.58
CA GLY A 81 -19.80 -11.88 -17.30
C GLY A 81 -20.17 -11.94 -15.82
N ARG A 82 -19.66 -12.97 -15.12
CA ARG A 82 -19.92 -13.18 -13.70
C ARG A 82 -19.47 -11.99 -12.87
N VAL A 83 -20.25 -11.65 -11.84
CA VAL A 83 -20.01 -10.53 -10.95
C VAL A 83 -19.64 -11.08 -9.57
N VAL A 84 -18.53 -10.58 -9.00
CA VAL A 84 -18.02 -11.01 -7.70
C VAL A 84 -18.17 -9.85 -6.70
N ASP A 85 -18.79 -10.17 -5.55
CA ASP A 85 -18.80 -9.27 -4.40
C ASP A 85 -17.48 -9.39 -3.65
N VAL A 86 -16.67 -8.31 -3.70
CA VAL A 86 -15.36 -8.30 -3.09
C VAL A 86 -15.34 -7.39 -1.86
N TYR A 87 -15.12 -8.02 -0.70
CA TYR A 87 -14.91 -7.31 0.54
C TYR A 87 -13.45 -6.85 0.60
N TRP A 88 -13.17 -5.70 -0.04
CA TRP A 88 -11.80 -5.28 -0.20
C TRP A 88 -11.16 -4.86 1.12
N ALA A 89 -12.01 -4.48 2.10
CA ALA A 89 -11.51 -4.03 3.40
C ALA A 89 -10.66 -5.13 4.04
N ARG A 90 -11.04 -6.38 3.81
CA ARG A 90 -10.28 -7.54 4.24
C ARG A 90 -8.79 -7.35 3.89
N TYR A 91 -8.52 -6.91 2.64
CA TYR A 91 -7.16 -6.76 2.14
C TYR A 91 -6.47 -5.60 2.84
N ALA A 92 -7.25 -4.57 3.17
CA ALA A 92 -6.65 -3.44 3.86
C ALA A 92 -6.24 -3.91 5.25
N ASP A 93 -7.07 -4.75 5.87
CA ASP A 93 -6.79 -5.38 7.15
C ASP A 93 -5.46 -6.14 7.08
N PHE A 94 -5.41 -7.10 6.13
CA PHE A 94 -4.27 -7.98 5.93
C PHE A 94 -2.98 -7.18 5.72
N LEU A 95 -3.04 -6.15 4.87
CA LEU A 95 -1.87 -5.33 4.59
C LEU A 95 -1.22 -4.85 5.90
N PHE A 96 -2.03 -4.48 6.92
CA PHE A 96 -1.44 -3.87 8.09
C PHE A 96 -1.21 -4.88 9.23
N THR A 97 -2.14 -5.83 9.40
CA THR A 97 -2.08 -6.69 10.56
C THR A 97 -1.01 -7.78 10.41
N THR A 98 -0.85 -8.33 9.21
CA THR A 98 0.10 -9.43 9.02
C THR A 98 1.55 -8.99 9.24
N PRO A 99 1.98 -7.78 8.79
CA PRO A 99 3.30 -7.25 9.15
C PRO A 99 3.50 -7.08 10.65
N LEU A 100 2.47 -6.56 11.33
CA LEU A 100 2.47 -6.41 12.78
C LEU A 100 2.63 -7.79 13.44
N LEU A 101 1.87 -8.77 12.96
CA LEU A 101 2.01 -10.14 13.43
C LEU A 101 3.46 -10.64 13.27
N LEU A 102 4.09 -10.36 12.10
CA LEU A 102 5.46 -10.82 11.88
C LEU A 102 6.43 -10.08 12.81
N LEU A 103 6.18 -8.77 12.98
CA LEU A 103 6.90 -7.91 13.91
C LEU A 103 6.83 -8.46 15.33
N ASP A 104 5.62 -8.87 15.75
CA ASP A 104 5.41 -9.44 17.07
C ASP A 104 6.31 -10.66 17.30
N ILE A 105 6.22 -11.66 16.41
CA ILE A 105 6.94 -12.91 16.61
C ILE A 105 8.44 -12.68 16.35
N GLY A 106 8.78 -11.71 15.48
CA GLY A 106 10.16 -11.32 15.22
C GLY A 106 10.86 -10.84 16.49
N LEU A 107 10.25 -9.84 17.16
CA LEU A 107 10.76 -9.27 18.40
C LEU A 107 10.92 -10.35 19.45
N LEU A 108 9.91 -11.23 19.59
CA LEU A 108 10.00 -12.37 20.49
C LEU A 108 11.17 -13.28 20.13
N ALA A 109 11.47 -13.37 18.83
CA ALA A 109 12.45 -14.32 18.35
C ALA A 109 13.86 -13.76 18.51
N GLY A 110 13.97 -12.44 18.73
CA GLY A 110 15.26 -11.79 18.67
C GLY A 110 15.82 -11.69 17.23
N ALA A 111 14.93 -11.62 16.23
CA ALA A 111 15.37 -11.51 14.85
C ALA A 111 15.82 -10.07 14.56
N SER A 112 16.79 -9.91 13.67
CA SER A 112 17.32 -8.58 13.37
C SER A 112 16.30 -7.77 12.58
N GLN A 113 16.50 -6.45 12.55
CA GLN A 113 15.60 -5.54 11.86
C GLN A 113 15.60 -5.86 10.38
N ARG A 114 16.79 -6.18 9.85
CA ARG A 114 16.95 -6.66 8.48
C ARG A 114 16.06 -7.88 8.25
N ASP A 115 16.11 -8.86 9.16
CA ASP A 115 15.39 -10.11 8.97
C ASP A 115 13.88 -9.88 8.95
N ILE A 116 13.38 -9.08 9.92
CA ILE A 116 11.95 -8.80 10.02
C ILE A 116 11.50 -8.06 8.76
N GLY A 117 12.22 -6.98 8.39
CA GLY A 117 11.93 -6.22 7.19
C GLY A 117 11.78 -7.13 5.98
N ALA A 118 12.76 -8.02 5.78
CA ALA A 118 12.72 -8.92 4.62
C ALA A 118 11.40 -9.68 4.60
N LEU A 119 11.00 -10.21 5.77
CA LEU A 119 9.77 -10.98 5.86
C LEU A 119 8.54 -10.11 5.63
N VAL A 120 8.60 -8.85 6.07
CA VAL A 120 7.46 -7.97 5.91
C VAL A 120 7.29 -7.69 4.41
N GLY A 121 8.42 -7.54 3.70
CA GLY A 121 8.44 -7.40 2.27
C GLY A 121 7.72 -8.53 1.53
N ILE A 122 8.12 -9.78 1.80
CA ILE A 122 7.45 -10.94 1.22
C ILE A 122 5.95 -10.90 1.54
N ASP A 123 5.63 -10.53 2.79
CA ASP A 123 4.26 -10.52 3.25
C ASP A 123 3.42 -9.53 2.42
N ALA A 124 3.98 -8.34 2.21
CA ALA A 124 3.35 -7.28 1.46
C ALA A 124 3.09 -7.73 0.01
N PHE A 125 4.09 -8.41 -0.58
CA PHE A 125 3.95 -9.03 -1.88
C PHE A 125 2.78 -10.02 -1.89
N MET A 126 2.74 -10.90 -0.89
CA MET A 126 1.66 -11.85 -0.72
C MET A 126 0.30 -11.18 -0.75
N ILE A 127 0.10 -10.15 0.12
CA ILE A 127 -1.21 -9.55 0.31
C ILE A 127 -1.60 -8.82 -0.96
N VAL A 128 -0.68 -8.02 -1.49
CA VAL A 128 -0.95 -7.16 -2.64
C VAL A 128 -1.23 -8.03 -3.86
N THR A 129 -0.44 -9.10 -4.06
CA THR A 129 -0.68 -9.98 -5.18
C THR A 129 -2.08 -10.57 -5.05
N GLY A 130 -2.47 -10.87 -3.80
CA GLY A 130 -3.80 -11.37 -3.50
C GLY A 130 -4.89 -10.39 -3.92
N LEU A 131 -4.75 -9.12 -3.49
CA LEU A 131 -5.64 -8.04 -3.88
C LEU A 131 -5.74 -7.95 -5.41
N VAL A 132 -4.58 -7.92 -6.09
CA VAL A 132 -4.53 -7.94 -7.56
C VAL A 132 -5.33 -9.13 -8.12
N ALA A 133 -5.11 -10.33 -7.56
CA ALA A 133 -5.85 -11.50 -7.99
C ALA A 133 -7.35 -11.25 -7.86
N THR A 134 -7.77 -10.64 -6.74
CA THR A 134 -9.19 -10.48 -6.45
C THR A 134 -9.83 -9.45 -7.40
N LEU A 135 -9.06 -8.43 -7.79
CA LEU A 135 -9.61 -7.33 -8.58
C LEU A 135 -9.58 -7.62 -10.09
N THR A 136 -8.70 -8.52 -10.55
CA THR A 136 -8.51 -8.80 -11.97
C THR A 136 -9.79 -9.40 -12.58
N LYS A 137 -10.13 -8.94 -13.78
CA LYS A 137 -11.35 -9.38 -14.46
C LYS A 137 -11.06 -10.57 -15.40
N VAL A 138 -9.78 -10.81 -15.73
CA VAL A 138 -9.43 -11.93 -16.60
C VAL A 138 -9.21 -13.17 -15.75
N VAL A 139 -10.01 -14.22 -15.99
CA VAL A 139 -10.07 -15.44 -15.19
C VAL A 139 -8.69 -16.07 -14.97
N VAL A 140 -7.96 -16.37 -16.05
CA VAL A 140 -6.69 -17.05 -15.93
C VAL A 140 -5.77 -16.19 -15.05
N ALA A 141 -5.81 -14.86 -15.24
CA ALA A 141 -4.93 -13.93 -14.54
C ALA A 141 -5.23 -13.93 -13.04
N ARG A 142 -6.52 -14.02 -12.71
CA ARG A 142 -6.93 -14.18 -11.33
C ARG A 142 -6.13 -15.31 -10.68
N TYR A 143 -6.13 -16.50 -11.34
CA TYR A 143 -5.53 -17.70 -10.78
C TYR A 143 -4.01 -17.61 -10.81
N ALA A 144 -3.48 -16.93 -11.83
CA ALA A 144 -2.03 -16.78 -11.91
C ALA A 144 -1.55 -15.94 -10.73
N PHE A 145 -2.30 -14.88 -10.41
CA PHE A 145 -1.91 -13.99 -9.32
C PHE A 145 -2.07 -14.74 -8.00
N TRP A 146 -3.21 -15.42 -7.86
CA TRP A 146 -3.44 -16.23 -6.68
C TRP A 146 -2.28 -17.22 -6.47
N THR A 147 -1.77 -17.84 -7.56
CA THR A 147 -0.70 -18.84 -7.51
C THR A 147 0.61 -18.21 -7.04
N ILE A 148 0.98 -17.08 -7.67
CA ILE A 148 2.18 -16.33 -7.34
C ILE A 148 2.15 -15.95 -5.85
N SER A 149 0.99 -15.43 -5.41
CA SER A 149 0.77 -15.12 -4.01
C SER A 149 1.01 -16.36 -3.11
N THR A 150 0.41 -17.50 -3.48
CA THR A 150 0.52 -18.69 -2.65
C THR A 150 1.97 -19.16 -2.57
N ILE A 151 2.69 -19.07 -3.71
CA ILE A 151 4.11 -19.40 -3.76
C ILE A 151 4.87 -18.52 -2.76
N SER A 152 4.64 -17.20 -2.82
CA SER A 152 5.34 -16.27 -1.93
C SER A 152 4.99 -16.53 -0.45
N MET A 153 3.75 -16.96 -0.18
CA MET A 153 3.38 -17.33 1.18
C MET A 153 4.30 -18.45 1.68
N VAL A 154 4.68 -19.37 0.77
CA VAL A 154 5.50 -20.52 1.12
C VAL A 154 6.91 -20.06 1.50
N PHE A 155 7.49 -19.18 0.68
CA PHE A 155 8.77 -18.58 1.03
C PHE A 155 8.67 -17.89 2.39
N LEU A 156 7.56 -17.15 2.60
CA LEU A 156 7.37 -16.46 3.87
C LEU A 156 7.45 -17.46 5.03
N LEU A 157 6.62 -18.51 4.96
CA LEU A 157 6.46 -19.46 6.05
C LEU A 157 7.78 -20.21 6.29
N TYR A 158 8.48 -20.49 5.19
CA TYR A 158 9.76 -21.17 5.25
C TYR A 158 10.75 -20.30 6.02
N TYR A 159 10.77 -19.00 5.72
CA TYR A 159 11.76 -18.11 6.31
C TYR A 159 11.43 -17.87 7.77
N LEU A 160 10.13 -17.80 8.08
CA LEU A 160 9.64 -17.71 9.45
C LEU A 160 10.19 -18.89 10.27
N VAL A 161 10.08 -20.10 9.71
CA VAL A 161 10.60 -21.28 10.38
C VAL A 161 12.12 -21.22 10.48
N ALA A 162 12.79 -20.92 9.36
CA ALA A 162 14.24 -21.10 9.30
C ALA A 162 14.97 -19.91 9.91
N VAL A 163 14.56 -18.70 9.57
CA VAL A 163 15.29 -17.49 9.94
C VAL A 163 14.89 -17.06 11.36
N PHE A 164 13.59 -16.86 11.61
CA PHE A 164 13.15 -16.52 12.95
C PHE A 164 13.49 -17.66 13.92
N GLY A 165 13.44 -18.91 13.42
CA GLY A 165 13.72 -20.09 14.24
C GLY A 165 15.18 -20.10 14.68
N GLU A 166 16.06 -19.70 13.75
CA GLU A 166 17.47 -19.59 14.02
C GLU A 166 17.71 -18.51 15.07
N ALA A 167 17.06 -17.37 14.89
CA ALA A 167 17.23 -16.21 15.76
C ALA A 167 16.86 -16.53 17.21
N VAL A 168 15.88 -17.42 17.43
CA VAL A 168 15.37 -17.63 18.78
C VAL A 168 16.16 -18.74 19.47
N SER A 169 17.05 -19.40 18.72
CA SER A 169 17.63 -20.65 19.17
C SER A 169 18.61 -20.45 20.34
N ASP A 170 19.01 -19.20 20.60
CA ASP A 170 19.92 -18.90 21.68
C ASP A 170 19.13 -18.51 22.93
N ALA A 171 17.80 -18.49 22.83
CA ALA A 171 16.95 -18.12 23.96
C ALA A 171 16.67 -19.36 24.82
N ASP A 172 16.07 -19.14 26.00
CA ASP A 172 15.80 -20.22 26.93
C ASP A 172 14.60 -21.03 26.43
N GLU A 173 14.35 -22.18 27.08
CA GLU A 173 13.42 -23.18 26.58
C GLU A 173 12.01 -22.59 26.53
N ASP A 174 11.70 -21.74 27.51
CA ASP A 174 10.41 -21.10 27.63
C ASP A 174 10.10 -20.22 26.41
N THR A 175 11.06 -19.36 26.04
CA THR A 175 10.92 -18.49 24.87
C THR A 175 10.77 -19.35 23.62
N ARG A 176 11.66 -20.33 23.44
CA ARG A 176 11.66 -21.12 22.22
C ARG A 176 10.31 -21.82 22.09
N SER A 177 9.73 -22.17 23.24
CA SER A 177 8.50 -22.94 23.30
C SER A 177 7.33 -22.07 22.88
N THR A 178 7.30 -20.81 23.35
CA THR A 178 6.32 -19.81 22.97
C THR A 178 6.47 -19.50 21.47
N PHE A 179 7.71 -19.43 21.02
CA PHE A 179 7.99 -19.17 19.61
C PHE A 179 7.33 -20.26 18.75
N ASN A 180 7.57 -21.54 19.12
CA ASN A 180 7.10 -22.66 18.33
C ASN A 180 5.57 -22.68 18.26
N ALA A 181 4.93 -22.31 19.39
CA ALA A 181 3.48 -22.30 19.50
C ALA A 181 2.89 -21.23 18.57
N LEU A 182 3.46 -20.02 18.61
CA LEU A 182 3.04 -18.94 17.72
C LEU A 182 3.37 -19.30 16.26
N ARG A 183 4.58 -19.79 16.05
CA ARG A 183 4.98 -20.24 14.73
C ARG A 183 3.94 -21.21 14.18
N ASN A 184 3.45 -22.12 15.04
CA ASN A 184 2.54 -23.18 14.62
C ASN A 184 1.16 -22.63 14.30
N ILE A 185 0.75 -21.60 15.05
CA ILE A 185 -0.49 -20.89 14.79
C ILE A 185 -0.40 -20.22 13.41
N ILE A 186 0.74 -19.57 13.11
CA ILE A 186 0.94 -18.97 11.80
C ILE A 186 0.85 -20.04 10.70
N LEU A 187 1.69 -21.08 10.80
CA LEU A 187 1.78 -22.15 9.80
C LEU A 187 0.42 -22.69 9.42
N VAL A 188 -0.33 -23.17 10.43
CA VAL A 188 -1.61 -23.83 10.24
C VAL A 188 -2.65 -22.86 9.66
N THR A 189 -2.88 -21.71 10.33
CA THR A 189 -3.99 -20.82 9.98
C THR A 189 -3.65 -19.99 8.73
N TRP A 190 -2.40 -19.56 8.59
CA TRP A 190 -2.10 -18.74 7.42
C TRP A 190 -2.25 -19.56 6.13
N ALA A 191 -1.89 -20.87 6.18
CA ALA A 191 -1.90 -21.71 5.00
C ALA A 191 -3.32 -21.91 4.47
N ILE A 192 -4.32 -21.68 5.32
CA ILE A 192 -5.70 -21.93 4.91
C ILE A 192 -6.26 -20.73 4.17
N TYR A 193 -5.65 -19.55 4.32
CA TYR A 193 -6.16 -18.32 3.70
C TYR A 193 -6.30 -18.50 2.19
N PRO A 194 -5.24 -18.92 1.45
CA PRO A 194 -5.36 -19.09 0.01
C PRO A 194 -6.43 -20.11 -0.39
N VAL A 195 -6.65 -21.11 0.48
CA VAL A 195 -7.65 -22.14 0.26
C VAL A 195 -9.05 -21.53 0.36
N ALA A 196 -9.28 -20.72 1.40
CA ALA A 196 -10.51 -19.99 1.62
C ALA A 196 -10.89 -19.13 0.40
N TRP A 197 -9.89 -18.47 -0.17
CA TRP A 197 -10.03 -17.70 -1.39
C TRP A 197 -10.37 -18.62 -2.58
N LEU A 198 -9.61 -19.71 -2.72
CA LEU A 198 -9.82 -20.66 -3.80
C LEU A 198 -11.24 -21.23 -3.75
N VAL A 199 -11.73 -21.57 -2.56
CA VAL A 199 -13.00 -22.26 -2.45
C VAL A 199 -14.18 -21.30 -2.44
N GLY A 200 -13.94 -20.04 -2.03
CA GLY A 200 -15.00 -19.04 -1.84
C GLY A 200 -15.42 -18.36 -3.16
N THR A 201 -16.12 -17.22 -3.05
CA THR A 201 -16.69 -16.59 -4.23
C THR A 201 -15.61 -15.92 -5.09
N GLU A 202 -14.40 -15.72 -4.56
CA GLU A 202 -13.37 -15.07 -5.36
C GLU A 202 -12.71 -16.06 -6.32
N GLY A 203 -12.87 -17.37 -6.03
CA GLY A 203 -12.22 -18.45 -6.77
C GLY A 203 -13.26 -19.38 -7.41
N LEU A 204 -13.24 -20.65 -6.98
CA LEU A 204 -14.00 -21.73 -7.61
C LEU A 204 -15.47 -21.65 -7.21
N ALA A 205 -15.76 -20.95 -6.12
CA ALA A 205 -17.12 -20.75 -5.61
C ALA A 205 -17.78 -22.10 -5.32
N LEU A 206 -17.07 -22.94 -4.57
CA LEU A 206 -17.57 -24.21 -4.06
C LEU A 206 -18.42 -23.96 -2.83
N THR A 207 -18.19 -22.83 -2.16
CA THR A 207 -19.04 -22.37 -1.08
C THR A 207 -19.47 -20.96 -1.46
N GLY A 208 -20.51 -20.43 -0.81
CA GLY A 208 -20.93 -19.06 -1.09
C GLY A 208 -20.28 -18.07 -0.13
N LEU A 209 -20.83 -16.85 -0.10
CA LEU A 209 -20.30 -15.77 0.70
C LEU A 209 -20.38 -16.12 2.19
N TYR A 210 -21.43 -16.86 2.55
CA TYR A 210 -21.75 -17.17 3.92
C TYR A 210 -20.67 -18.05 4.56
N GLY A 211 -20.31 -19.15 3.87
CA GLY A 211 -19.29 -20.08 4.33
C GLY A 211 -17.89 -19.44 4.26
N GLU A 212 -17.63 -18.67 3.19
CA GLU A 212 -16.35 -18.00 3.03
C GLU A 212 -16.10 -17.07 4.23
N THR A 213 -17.12 -16.25 4.56
CA THR A 213 -17.01 -15.25 5.61
C THR A 213 -16.79 -15.94 6.95
N LEU A 214 -17.50 -17.05 7.18
CA LEU A 214 -17.36 -17.84 8.40
C LEU A 214 -15.92 -18.33 8.54
N LEU A 215 -15.39 -18.84 7.43
CA LEU A 215 -14.04 -19.40 7.41
C LEU A 215 -13.00 -18.32 7.71
N PHE A 216 -13.10 -17.21 7.00
CA PHE A 216 -12.21 -16.09 7.27
C PHE A 216 -12.34 -15.65 8.73
N MET A 217 -13.55 -15.69 9.28
CA MET A 217 -13.77 -15.19 10.63
C MET A 217 -13.02 -16.05 11.65
N VAL A 218 -13.09 -17.39 11.48
CA VAL A 218 -12.43 -18.30 12.40
C VAL A 218 -10.92 -18.12 12.30
N LEU A 219 -10.40 -18.16 11.06
CA LEU A 219 -8.98 -17.96 10.82
C LEU A 219 -8.54 -16.64 11.44
N ASP A 220 -9.32 -15.56 11.21
CA ASP A 220 -8.98 -14.25 11.72
C ASP A 220 -8.91 -14.27 13.26
N LEU A 221 -9.93 -14.86 13.91
CA LEU A 221 -9.98 -14.85 15.36
C LEU A 221 -8.82 -15.65 15.95
N VAL A 222 -8.48 -16.80 15.34
CA VAL A 222 -7.40 -17.62 15.85
C VAL A 222 -6.08 -16.87 15.64
N ALA A 223 -5.89 -16.39 14.40
CA ALA A 223 -4.61 -15.83 14.02
C ALA A 223 -4.31 -14.51 14.74
N LYS A 224 -5.34 -13.83 15.25
CA LYS A 224 -5.14 -12.54 15.88
C LYS A 224 -5.36 -12.59 17.40
N VAL A 225 -6.61 -12.86 17.80
CA VAL A 225 -6.95 -12.88 19.21
C VAL A 225 -6.23 -14.04 19.90
N GLY A 226 -6.31 -15.25 19.31
CA GLY A 226 -5.71 -16.44 19.88
C GLY A 226 -4.20 -16.28 20.00
N PHE A 227 -3.57 -15.86 18.88
CA PHE A 227 -2.15 -15.58 18.82
C PHE A 227 -1.79 -14.56 19.90
N GLY A 228 -2.51 -13.42 19.89
CA GLY A 228 -2.22 -12.35 20.84
C GLY A 228 -2.24 -12.88 22.27
N PHE A 229 -3.28 -13.67 22.58
CA PHE A 229 -3.46 -14.21 23.90
C PHE A 229 -2.23 -15.02 24.30
N ILE A 230 -1.80 -15.93 23.43
CA ILE A 230 -0.69 -16.84 23.73
C ILE A 230 0.59 -16.03 23.98
N LEU A 231 0.78 -14.95 23.20
CA LEU A 231 1.99 -14.15 23.24
C LEU A 231 2.05 -13.32 24.53
N LEU A 232 0.94 -12.65 24.86
CA LEU A 232 0.95 -11.72 25.98
C LEU A 232 1.00 -12.43 27.34
N ARG A 233 0.50 -13.67 27.39
CA ARG A 233 0.46 -14.39 28.65
C ARG A 233 1.77 -15.16 28.87
N SER A 234 2.70 -15.09 27.91
CA SER A 234 3.94 -15.85 27.99
C SER A 234 4.92 -15.17 28.95
N ARG A 235 5.76 -15.97 29.63
CA ARG A 235 6.89 -15.48 30.41
C ARG A 235 7.92 -14.81 29.51
N ALA A 236 7.93 -15.16 28.21
CA ALA A 236 8.94 -14.68 27.30
C ALA A 236 8.91 -13.15 27.17
N ILE A 237 7.71 -12.56 27.26
CA ILE A 237 7.61 -11.12 27.12
C ILE A 237 7.78 -10.46 28.49
N MET A 238 8.11 -11.29 29.50
CA MET A 238 8.46 -10.94 30.87
C MET A 238 7.24 -11.05 31.79
N GLY A 239 6.09 -11.50 31.25
CA GLY A 239 4.90 -11.68 32.08
C GLY A 239 3.64 -11.63 31.24
N LEU B 11 19.19 -1.32 5.95
CA LEU B 11 18.45 -0.89 4.74
C LEU B 11 18.36 0.64 4.72
N GLY B 12 19.23 1.27 3.92
CA GLY B 12 19.25 2.71 3.75
C GLY B 12 20.14 3.37 4.80
N VAL B 13 19.89 4.67 5.03
CA VAL B 13 20.68 5.49 5.94
C VAL B 13 20.18 5.29 7.37
N GLU B 14 18.85 5.19 7.56
CA GLU B 14 18.25 5.06 8.88
C GLU B 14 17.01 4.16 8.85
N GLY B 15 17.01 3.14 8.00
CA GLY B 15 15.96 2.13 8.04
C GLY B 15 14.87 2.33 6.99
N GLU B 16 14.98 3.38 6.17
CA GLU B 16 13.95 3.73 5.19
C GLU B 16 13.92 2.72 4.04
N GLY B 17 14.87 1.78 4.03
CA GLY B 17 14.91 0.74 3.01
C GLY B 17 13.59 -0.02 2.90
N ILE B 18 12.95 -0.26 4.04
CA ILE B 18 11.69 -0.98 4.06
C ILE B 18 10.67 -0.28 3.15
N TRP B 19 10.62 1.07 3.19
CA TRP B 19 9.63 1.79 2.38
C TRP B 19 9.99 1.73 0.90
N LEU B 20 11.30 1.73 0.60
CA LEU B 20 11.73 1.62 -0.78
C LEU B 20 11.31 0.25 -1.34
N ALA B 21 11.56 -0.80 -0.56
CA ALA B 21 11.13 -2.15 -0.93
C ALA B 21 9.62 -2.18 -1.16
N LEU B 22 8.84 -1.64 -0.21
CA LEU B 22 7.38 -1.69 -0.32
C LEU B 22 6.91 -0.88 -1.53
N GLY B 23 7.52 0.29 -1.74
CA GLY B 23 7.25 1.10 -2.92
C GLY B 23 7.47 0.33 -4.21
N THR B 24 8.65 -0.33 -4.32
CA THR B 24 9.00 -1.14 -5.48
C THR B 24 7.90 -2.18 -5.72
N ILE B 25 7.53 -2.88 -4.63
CA ILE B 25 6.54 -3.95 -4.66
C ILE B 25 5.19 -3.42 -5.12
N GLY B 26 4.73 -2.32 -4.49
CA GLY B 26 3.45 -1.70 -4.82
C GLY B 26 3.39 -1.31 -6.29
N MET B 27 4.45 -0.60 -6.75
CA MET B 27 4.53 -0.17 -8.15
C MET B 27 4.54 -1.38 -9.09
N LEU B 28 5.40 -2.35 -8.80
CA LEU B 28 5.56 -3.52 -9.66
C LEU B 28 4.22 -4.21 -9.87
N LEU B 29 3.45 -4.41 -8.78
CA LEU B 29 2.22 -5.17 -8.79
C LEU B 29 1.06 -4.34 -9.35
N GLY B 30 1.08 -3.01 -9.10
CA GLY B 30 0.16 -2.10 -9.76
C GLY B 30 0.34 -2.14 -11.29
N MET B 31 1.61 -2.19 -11.73
CA MET B 31 1.90 -2.30 -13.15
C MET B 31 1.32 -3.58 -13.74
N LEU B 32 1.62 -4.72 -13.09
CA LEU B 32 1.21 -6.04 -13.56
C LEU B 32 -0.31 -6.14 -13.61
N TYR B 33 -0.97 -5.55 -12.60
CA TYR B 33 -2.42 -5.51 -12.56
C TYR B 33 -2.97 -4.79 -13.79
N PHE B 34 -2.33 -3.67 -14.14
CA PHE B 34 -2.77 -2.85 -15.27
C PHE B 34 -2.48 -3.57 -16.58
N ILE B 35 -1.32 -4.23 -16.68
CA ILE B 35 -1.04 -5.08 -17.83
C ILE B 35 -2.11 -6.17 -17.95
N ALA B 36 -2.44 -6.82 -16.83
CA ALA B 36 -3.36 -7.95 -16.90
C ALA B 36 -4.72 -7.48 -17.41
N ASP B 37 -5.19 -6.32 -16.94
CA ASP B 37 -6.53 -5.87 -17.27
C ASP B 37 -6.60 -5.36 -18.70
N GLY B 38 -5.43 -5.05 -19.28
CA GLY B 38 -5.34 -4.51 -20.62
C GLY B 38 -5.26 -5.57 -21.71
N LEU B 39 -5.17 -6.85 -21.31
CA LEU B 39 -5.02 -7.95 -22.26
C LEU B 39 -6.18 -7.98 -23.25
N ASP B 40 -7.42 -7.75 -22.76
CA ASP B 40 -8.62 -7.93 -23.55
C ASP B 40 -8.85 -6.80 -24.54
N VAL B 41 -8.17 -5.67 -24.33
CA VAL B 41 -8.56 -4.42 -24.98
C VAL B 41 -8.06 -4.39 -26.43
N GLN B 42 -8.94 -3.94 -27.33
CA GLN B 42 -8.63 -3.77 -28.75
C GLN B 42 -8.92 -2.35 -29.22
N ASP B 43 -9.92 -1.69 -28.61
CA ASP B 43 -10.28 -0.32 -28.90
C ASP B 43 -9.03 0.57 -28.80
N PRO B 44 -8.64 1.31 -29.86
CA PRO B 44 -7.37 2.05 -29.86
C PRO B 44 -7.23 3.16 -28.81
N ARG B 45 -8.33 3.88 -28.56
CA ARG B 45 -8.38 4.92 -27.54
C ARG B 45 -8.09 4.32 -26.17
N GLN B 46 -8.83 3.25 -25.84
CA GLN B 46 -8.73 2.59 -24.55
C GLN B 46 -7.32 2.05 -24.34
N LYS B 47 -6.71 1.59 -25.45
CA LYS B 47 -5.36 1.03 -25.47
C LYS B 47 -4.35 2.12 -25.12
N GLU B 48 -4.63 3.36 -25.53
CA GLU B 48 -3.70 4.43 -25.21
C GLU B 48 -3.73 4.69 -23.70
N PHE B 49 -4.94 4.79 -23.14
CA PHE B 49 -5.07 4.92 -21.71
C PHE B 49 -4.23 3.86 -20.98
N TYR B 50 -4.27 2.60 -21.48
CA TYR B 50 -3.58 1.49 -20.85
C TYR B 50 -2.06 1.72 -20.87
N VAL B 51 -1.53 2.07 -22.05
CA VAL B 51 -0.10 2.22 -22.25
C VAL B 51 0.44 3.30 -21.31
N ILE B 52 -0.30 4.41 -21.21
CA ILE B 52 0.10 5.54 -20.37
C ILE B 52 0.13 5.08 -18.91
N THR B 53 -0.95 4.42 -18.47
CA THR B 53 -1.15 4.07 -17.08
C THR B 53 -0.22 2.94 -16.65
N ILE B 54 0.20 2.08 -17.60
CA ILE B 54 1.14 1.03 -17.28
C ILE B 54 2.53 1.63 -17.07
N LEU B 55 2.91 2.56 -17.95
CA LEU B 55 4.21 3.23 -17.96
C LEU B 55 4.51 3.94 -16.65
N ILE B 56 3.48 4.58 -16.07
CA ILE B 56 3.62 5.38 -14.86
C ILE B 56 4.21 4.52 -13.74
N PRO B 57 3.57 3.40 -13.32
CA PRO B 57 4.14 2.56 -12.27
C PRO B 57 5.41 1.84 -12.67
N ALA B 58 5.59 1.57 -13.98
CA ALA B 58 6.83 0.98 -14.45
C ALA B 58 8.00 1.93 -14.15
N ILE B 59 7.87 3.20 -14.53
CA ILE B 59 8.94 4.15 -14.29
C ILE B 59 9.19 4.25 -12.78
N ALA B 60 8.11 4.28 -11.99
CA ALA B 60 8.21 4.41 -10.55
C ALA B 60 8.83 3.16 -9.91
N ALA B 61 8.46 1.98 -10.43
CA ALA B 61 9.08 0.72 -10.04
C ALA B 61 10.59 0.79 -10.22
N ALA B 62 11.02 1.25 -11.41
CA ALA B 62 12.43 1.32 -11.73
C ALA B 62 13.14 2.24 -10.76
N SER B 63 12.54 3.41 -10.52
CA SER B 63 13.04 4.41 -9.59
C SER B 63 13.15 3.84 -8.17
N TYR B 64 12.06 3.20 -7.69
CA TYR B 64 12.08 2.63 -6.36
C TYR B 64 13.16 1.56 -6.26
N LEU B 65 13.20 0.64 -7.24
CA LEU B 65 14.19 -0.42 -7.31
C LEU B 65 15.62 0.13 -7.21
N SER B 66 15.91 1.18 -8.00
CA SER B 66 17.25 1.74 -7.99
C SER B 66 17.59 2.38 -6.64
N MET B 67 16.63 3.10 -6.04
CA MET B 67 16.82 3.70 -4.73
C MET B 67 17.07 2.62 -3.67
N PHE B 68 16.32 1.52 -3.76
CA PHE B 68 16.45 0.44 -2.81
C PHE B 68 17.89 -0.07 -2.82
N PHE B 69 18.51 -0.19 -4.00
CA PHE B 69 19.88 -0.70 -4.09
C PHE B 69 20.90 0.44 -3.90
N GLY B 70 20.43 1.68 -3.84
CA GLY B 70 21.30 2.80 -3.48
C GLY B 70 21.85 3.52 -4.72
N PHE B 71 21.24 3.29 -5.87
CA PHE B 71 21.75 3.89 -7.09
C PHE B 71 21.30 5.36 -7.23
N GLY B 72 20.17 5.71 -6.62
CA GLY B 72 19.57 7.03 -6.82
C GLY B 72 19.82 7.99 -5.66
N LEU B 73 20.87 7.72 -4.87
CA LEU B 73 21.19 8.41 -3.63
C LEU B 73 22.53 9.11 -3.78
N THR B 74 22.57 10.37 -3.34
CA THR B 74 23.77 11.20 -3.41
C THR B 74 23.82 12.08 -2.16
N GLU B 75 24.98 12.72 -1.95
CA GLU B 75 25.16 13.64 -0.84
C GLU B 75 25.40 15.04 -1.38
N VAL B 76 24.90 16.04 -0.64
CA VAL B 76 25.00 17.44 -1.00
C VAL B 76 25.48 18.18 0.24
N SER B 77 26.71 18.70 0.18
CA SER B 77 27.24 19.56 1.23
C SER B 77 26.67 20.97 1.03
N LEU B 78 26.00 21.47 2.06
CA LEU B 78 25.46 22.82 2.01
C LEU B 78 26.55 23.82 2.39
N ALA B 79 26.32 25.10 2.06
CA ALA B 79 27.23 26.20 2.34
C ALA B 79 27.46 26.37 3.84
N ASN B 80 26.56 25.83 4.67
CA ASN B 80 26.60 25.98 6.11
C ASN B 80 27.17 24.73 6.77
N GLY B 81 27.66 23.79 5.94
CA GLY B 81 28.39 22.63 6.42
C GLY B 81 27.55 21.36 6.44
N ARG B 82 26.23 21.51 6.70
CA ARG B 82 25.30 20.39 6.80
C ARG B 82 25.27 19.58 5.50
N VAL B 83 25.18 18.26 5.63
CA VAL B 83 25.17 17.31 4.52
C VAL B 83 23.77 16.70 4.40
N VAL B 84 23.21 16.70 3.18
CA VAL B 84 21.88 16.19 2.90
C VAL B 84 22.00 14.95 2.01
N ASP B 85 21.35 13.85 2.45
CA ASP B 85 21.16 12.67 1.62
C ASP B 85 19.98 12.89 0.67
N VAL B 86 20.29 13.01 -0.63
CA VAL B 86 19.28 13.30 -1.63
C VAL B 86 19.05 12.08 -2.53
N TYR B 87 17.82 11.57 -2.47
CA TYR B 87 17.36 10.54 -3.37
C TYR B 87 16.92 11.16 -4.70
N TRP B 88 17.91 11.42 -5.56
CA TRP B 88 17.64 12.20 -6.75
C TRP B 88 16.78 11.44 -7.76
N ALA B 89 16.80 10.10 -7.69
CA ALA B 89 16.02 9.28 -8.60
C ALA B 89 14.54 9.67 -8.55
N ARG B 90 14.08 10.03 -7.36
CA ARG B 90 12.73 10.53 -7.16
C ARG B 90 12.39 11.59 -8.22
N TYR B 91 13.32 12.53 -8.46
CA TYR B 91 13.11 13.64 -9.38
C TYR B 91 13.08 13.14 -10.82
N ALA B 92 13.89 12.12 -11.10
CA ALA B 92 13.86 11.55 -12.44
C ALA B 92 12.50 10.88 -12.67
N ASP B 93 11.98 10.22 -11.63
CA ASP B 93 10.65 9.63 -11.63
C ASP B 93 9.60 10.70 -11.97
N PHE B 94 9.58 11.77 -11.14
CA PHE B 94 8.62 12.85 -11.23
C PHE B 94 8.65 13.48 -12.63
N LEU B 95 9.85 13.74 -13.17
CA LEU B 95 9.98 14.31 -14.49
C LEU B 95 9.14 13.55 -15.52
N PHE B 96 9.08 12.21 -15.43
CA PHE B 96 8.39 11.46 -16.48
C PHE B 96 6.95 11.12 -16.09
N THR B 97 6.72 10.77 -14.84
CA THR B 97 5.42 10.21 -14.46
C THR B 97 4.37 11.31 -14.35
N THR B 98 4.73 12.48 -13.81
CA THR B 98 3.72 13.53 -13.60
C THR B 98 3.15 14.06 -14.93
N PRO B 99 3.97 14.26 -16.00
CA PRO B 99 3.43 14.61 -17.32
C PRO B 99 2.50 13.54 -17.88
N LEU B 100 2.86 12.26 -17.73
CA LEU B 100 2.04 11.13 -18.13
C LEU B 100 0.70 11.16 -17.37
N LEU B 101 0.78 11.43 -16.07
CA LEU B 101 -0.43 11.60 -15.26
C LEU B 101 -1.30 12.72 -15.83
N LEU B 102 -0.67 13.85 -16.25
CA LEU B 102 -1.45 14.97 -16.79
C LEU B 102 -2.07 14.61 -18.13
N LEU B 103 -1.27 13.88 -18.93
CA LEU B 103 -1.69 13.33 -20.22
C LEU B 103 -2.91 12.42 -20.03
N ASP B 104 -2.83 11.53 -19.04
CA ASP B 104 -3.92 10.60 -18.75
C ASP B 104 -5.23 11.36 -18.49
N ILE B 105 -5.22 12.31 -17.54
CA ILE B 105 -6.43 13.01 -17.15
C ILE B 105 -6.87 13.98 -18.27
N GLY B 106 -5.88 14.52 -19.03
CA GLY B 106 -6.14 15.37 -20.18
C GLY B 106 -6.99 14.66 -21.23
N LEU B 107 -6.51 13.48 -21.68
CA LEU B 107 -7.19 12.66 -22.66
C LEU B 107 -8.61 12.33 -22.20
N LEU B 108 -8.76 11.90 -20.93
CA LEU B 108 -10.07 11.65 -20.36
C LEU B 108 -10.94 12.90 -20.39
N ALA B 109 -10.32 14.08 -20.27
CA ALA B 109 -11.06 15.32 -20.12
C ALA B 109 -11.51 15.83 -21.48
N GLY B 110 -10.89 15.30 -22.55
CA GLY B 110 -11.10 15.86 -23.87
C GLY B 110 -10.39 17.20 -24.04
N ALA B 111 -9.29 17.43 -23.30
CA ALA B 111 -8.52 18.66 -23.45
C ALA B 111 -7.69 18.62 -24.73
N SER B 112 -7.50 19.77 -25.36
CA SER B 112 -6.76 19.85 -26.61
C SER B 112 -5.26 19.59 -26.35
N GLN B 113 -4.54 19.27 -27.42
CA GLN B 113 -3.12 18.97 -27.36
C GLN B 113 -2.36 20.21 -26.86
N ARG B 114 -2.80 21.38 -27.32
CA ARG B 114 -2.22 22.63 -26.83
C ARG B 114 -2.44 22.76 -25.32
N ASP B 115 -3.64 22.42 -24.82
CA ASP B 115 -3.94 22.56 -23.41
C ASP B 115 -3.06 21.63 -22.54
N ILE B 116 -2.92 20.37 -22.99
CA ILE B 116 -2.14 19.37 -22.29
C ILE B 116 -0.67 19.82 -22.27
N GLY B 117 -0.13 20.18 -23.45
CA GLY B 117 1.23 20.69 -23.57
C GLY B 117 1.50 21.80 -22.55
N ALA B 118 0.59 22.80 -22.51
CA ALA B 118 0.78 23.93 -21.61
C ALA B 118 0.98 23.42 -20.19
N LEU B 119 0.11 22.49 -19.75
CA LEU B 119 0.17 21.97 -18.40
C LEU B 119 1.43 21.14 -18.18
N VAL B 120 1.89 20.43 -19.22
CA VAL B 120 3.07 19.61 -19.08
C VAL B 120 4.27 20.54 -18.85
N GLY B 121 4.25 21.69 -19.55
CA GLY B 121 5.26 22.73 -19.39
C GLY B 121 5.38 23.21 -17.94
N ILE B 122 4.26 23.68 -17.39
CA ILE B 122 4.25 24.10 -15.98
C ILE B 122 4.76 22.98 -15.07
N ASP B 123 4.33 21.73 -15.35
CA ASP B 123 4.71 20.60 -14.53
C ASP B 123 6.22 20.40 -14.51
N ALA B 124 6.82 20.46 -15.71
CA ALA B 124 8.25 20.28 -15.89
C ALA B 124 9.02 21.36 -15.14
N PHE B 125 8.52 22.60 -15.21
CA PHE B 125 9.05 23.71 -14.42
C PHE B 125 9.03 23.38 -12.93
N MET B 126 7.86 22.93 -12.46
CA MET B 126 7.68 22.51 -11.08
C MET B 126 8.77 21.51 -10.66
N ILE B 127 8.93 20.42 -11.43
CA ILE B 127 9.79 19.30 -11.01
C ILE B 127 11.24 19.77 -11.03
N VAL B 128 11.63 20.43 -12.13
CA VAL B 128 13.02 20.82 -12.32
C VAL B 128 13.40 21.87 -11.26
N THR B 129 12.51 22.84 -11.01
CA THR B 129 12.77 23.84 -9.98
C THR B 129 12.97 23.12 -8.64
N GLY B 130 12.18 22.06 -8.42
CA GLY B 130 12.28 21.26 -7.21
C GLY B 130 13.64 20.59 -7.08
N LEU B 131 14.07 19.91 -8.16
CA LEU B 131 15.40 19.33 -8.25
C LEU B 131 16.46 20.38 -7.93
N VAL B 132 16.38 21.57 -8.58
CA VAL B 132 17.30 22.67 -8.33
C VAL B 132 17.29 23.06 -6.85
N ALA B 133 16.10 23.16 -6.26
CA ALA B 133 16.00 23.44 -4.84
C ALA B 133 16.77 22.39 -4.05
N THR B 134 16.61 21.11 -4.41
CA THR B 134 17.17 20.02 -3.62
C THR B 134 18.69 19.98 -3.75
N LEU B 135 19.22 20.36 -4.92
CA LEU B 135 20.65 20.26 -5.19
C LEU B 135 21.43 21.47 -4.69
N THR B 136 20.80 22.65 -4.58
CA THR B 136 21.51 23.90 -4.31
C THR B 136 22.18 23.84 -2.94
N LYS B 137 23.42 24.34 -2.86
CA LYS B 137 24.15 24.38 -1.60
C LYS B 137 23.89 25.69 -0.84
N VAL B 138 23.35 26.70 -1.51
CA VAL B 138 23.04 27.98 -0.90
C VAL B 138 21.64 27.90 -0.29
N VAL B 139 21.59 28.07 1.05
CA VAL B 139 20.40 27.82 1.86
C VAL B 139 19.22 28.69 1.41
N VAL B 140 19.44 29.99 1.25
CA VAL B 140 18.38 30.90 0.82
C VAL B 140 17.76 30.36 -0.47
N ALA B 141 18.65 30.00 -1.40
CA ALA B 141 18.29 29.59 -2.75
C ALA B 141 17.44 28.32 -2.70
N ARG B 142 17.80 27.40 -1.80
CA ARG B 142 16.99 26.22 -1.57
C ARG B 142 15.52 26.62 -1.40
N TYR B 143 15.27 27.56 -0.48
CA TYR B 143 13.91 27.92 -0.10
C TYR B 143 13.25 28.77 -1.19
N ALA B 144 14.07 29.57 -1.89
CA ALA B 144 13.53 30.39 -2.96
C ALA B 144 13.05 29.48 -4.09
N PHE B 145 13.83 28.42 -4.38
CA PHE B 145 13.48 27.52 -5.46
C PHE B 145 12.27 26.70 -5.03
N TRP B 146 12.30 26.22 -3.79
CA TRP B 146 11.15 25.51 -3.27
C TRP B 146 9.87 26.34 -3.42
N THR B 147 9.97 27.67 -3.15
CA THR B 147 8.84 28.59 -3.20
C THR B 147 8.31 28.74 -4.62
N ILE B 148 9.22 29.02 -5.55
CA ILE B 148 8.92 29.17 -6.98
C ILE B 148 8.24 27.90 -7.48
N SER B 149 8.79 26.74 -7.12
CA SER B 149 8.19 25.46 -7.46
C SER B 149 6.75 25.35 -6.92
N THR B 150 6.58 25.68 -5.64
CA THR B 150 5.28 25.54 -5.00
C THR B 150 4.27 26.48 -5.65
N ILE B 151 4.72 27.71 -5.99
CA ILE B 151 3.92 28.68 -6.71
C ILE B 151 3.44 28.05 -8.02
N SER B 152 4.37 27.46 -8.80
CA SER B 152 4.02 26.92 -10.10
C SER B 152 3.09 25.72 -9.94
N MET B 153 3.25 24.94 -8.86
CA MET B 153 2.30 23.87 -8.57
C MET B 153 0.87 24.43 -8.47
N VAL B 154 0.73 25.62 -7.86
CA VAL B 154 -0.57 26.25 -7.65
C VAL B 154 -1.19 26.62 -9.00
N PHE B 155 -0.40 27.25 -9.88
CA PHE B 155 -0.86 27.56 -11.22
C PHE B 155 -1.24 26.26 -11.94
N LEU B 156 -0.44 25.21 -11.76
CA LEU B 156 -0.72 23.93 -12.40
C LEU B 156 -2.11 23.46 -11.99
N LEU B 157 -2.34 23.40 -10.67
CA LEU B 157 -3.56 22.83 -10.11
C LEU B 157 -4.75 23.69 -10.52
N TYR B 158 -4.53 25.01 -10.57
CA TYR B 158 -5.55 25.96 -10.99
C TYR B 158 -5.98 25.64 -12.42
N TYR B 159 -5.00 25.41 -13.30
CA TYR B 159 -5.29 25.23 -14.71
C TYR B 159 -5.95 23.87 -14.94
N LEU B 160 -5.49 22.87 -14.18
CA LEU B 160 -6.09 21.54 -14.16
C LEU B 160 -7.58 21.65 -13.85
N VAL B 161 -7.91 22.42 -12.81
CA VAL B 161 -9.30 22.56 -12.41
C VAL B 161 -10.05 23.36 -13.49
N ALA B 162 -9.48 24.49 -13.91
CA ALA B 162 -10.24 25.41 -14.76
C ALA B 162 -10.26 24.96 -16.23
N VAL B 163 -9.11 24.57 -16.77
CA VAL B 163 -8.97 24.30 -18.19
C VAL B 163 -9.42 22.87 -18.50
N PHE B 164 -8.84 21.88 -17.80
CA PHE B 164 -9.28 20.50 -17.99
C PHE B 164 -10.76 20.37 -17.60
N GLY B 165 -11.17 21.13 -16.57
CA GLY B 165 -12.53 21.08 -16.05
C GLY B 165 -13.52 21.60 -17.10
N GLU B 166 -13.09 22.65 -17.80
CA GLU B 166 -13.86 23.23 -18.89
C GLU B 166 -14.00 22.21 -20.01
N ALA B 167 -12.89 21.56 -20.36
CA ALA B 167 -12.83 20.66 -21.48
C ALA B 167 -13.76 19.46 -21.27
N VAL B 168 -13.98 19.04 -20.01
CA VAL B 168 -14.73 17.81 -19.76
C VAL B 168 -16.22 18.12 -19.64
N SER B 169 -16.55 19.42 -19.61
CA SER B 169 -17.88 19.85 -19.20
C SER B 169 -18.94 19.47 -20.23
N ASP B 170 -18.53 19.09 -21.44
CA ASP B 170 -19.48 18.70 -22.47
C ASP B 170 -19.69 17.18 -22.44
N ALA B 171 -18.97 16.48 -21.56
CA ALA B 171 -19.06 15.02 -21.50
C ALA B 171 -20.20 14.63 -20.57
N ASP B 172 -20.54 13.34 -20.56
CA ASP B 172 -21.67 12.84 -19.78
C ASP B 172 -21.27 12.78 -18.31
N GLU B 173 -22.26 12.54 -17.44
CA GLU B 173 -22.09 12.69 -16.00
C GLU B 173 -21.04 11.70 -15.50
N ASP B 174 -21.00 10.51 -16.12
CA ASP B 174 -20.08 9.45 -15.74
C ASP B 174 -18.63 9.91 -15.92
N THR B 175 -18.30 10.46 -17.10
CA THR B 175 -16.97 10.95 -17.40
C THR B 175 -16.63 12.08 -16.43
N ARG B 176 -17.53 13.05 -16.28
CA ARG B 176 -17.25 14.22 -15.47
C ARG B 176 -16.94 13.77 -14.05
N SER B 177 -17.63 12.71 -13.64
CA SER B 177 -17.54 12.20 -12.29
C SER B 177 -16.17 11.56 -12.04
N THR B 178 -15.71 10.75 -13.01
CA THR B 178 -14.37 10.16 -13.00
C THR B 178 -13.30 11.26 -13.03
N PHE B 179 -13.56 12.29 -13.85
CA PHE B 179 -12.65 13.41 -13.92
C PHE B 179 -12.45 14.05 -12.54
N ASN B 180 -13.57 14.33 -11.85
CA ASN B 180 -13.54 15.02 -10.58
C ASN B 180 -12.79 14.21 -9.53
N ALA B 181 -12.97 12.88 -9.59
CA ALA B 181 -12.34 11.97 -8.65
C ALA B 181 -10.82 11.96 -8.83
N LEU B 182 -10.37 11.88 -10.10
CA LEU B 182 -8.96 11.94 -10.44
C LEU B 182 -8.41 13.32 -10.10
N ARG B 183 -9.13 14.36 -10.52
CA ARG B 183 -8.76 15.73 -10.20
C ARG B 183 -8.52 15.85 -8.71
N ASN B 184 -9.40 15.23 -7.90
CA ASN B 184 -9.36 15.37 -6.44
C ASN B 184 -8.17 14.63 -5.85
N ILE B 185 -7.82 13.49 -6.46
CA ILE B 185 -6.63 12.75 -6.07
C ILE B 185 -5.39 13.61 -6.35
N ILE B 186 -5.35 14.28 -7.50
CA ILE B 186 -4.23 15.15 -7.81
C ILE B 186 -4.14 16.28 -6.79
N LEU B 187 -5.24 17.04 -6.62
CA LEU B 187 -5.30 18.19 -5.71
C LEU B 187 -4.76 17.86 -4.32
N VAL B 188 -5.34 16.82 -3.69
CA VAL B 188 -5.01 16.41 -2.33
C VAL B 188 -3.56 15.93 -2.23
N THR B 189 -3.18 14.94 -3.03
CA THR B 189 -1.90 14.25 -2.85
C THR B 189 -0.76 15.11 -3.41
N TRP B 190 -0.99 15.80 -4.53
CA TRP B 190 0.12 16.59 -5.06
C TRP B 190 0.51 17.70 -4.10
N ALA B 191 -0.49 18.30 -3.42
CA ALA B 191 -0.25 19.44 -2.55
C ALA B 191 0.60 19.06 -1.35
N ILE B 192 0.67 17.76 -1.03
CA ILE B 192 1.40 17.34 0.17
C ILE B 192 2.90 17.22 -0.13
N TYR B 193 3.25 17.03 -1.41
CA TYR B 193 4.63 16.81 -1.81
C TYR B 193 5.51 17.95 -1.32
N PRO B 194 5.21 19.24 -1.62
CA PRO B 194 6.05 20.35 -1.17
C PRO B 194 6.17 20.42 0.34
N VAL B 195 5.12 19.98 1.05
CA VAL B 195 5.08 19.96 2.51
C VAL B 195 6.09 18.94 3.03
N ALA B 196 6.05 17.73 2.44
CA ALA B 196 6.96 16.64 2.75
C ALA B 196 8.40 17.09 2.62
N TRP B 197 8.70 17.82 1.54
CA TRP B 197 10.00 18.40 1.27
C TRP B 197 10.34 19.45 2.34
N LEU B 198 9.40 20.36 2.60
CA LEU B 198 9.61 21.41 3.58
C LEU B 198 9.94 20.84 4.96
N VAL B 199 9.22 19.79 5.36
CA VAL B 199 9.36 19.27 6.72
C VAL B 199 10.50 18.25 6.82
N GLY B 200 10.86 17.63 5.69
CA GLY B 200 11.82 16.53 5.64
C GLY B 200 13.26 17.00 5.61
N THR B 201 14.18 16.10 5.24
CA THR B 201 15.60 16.35 5.36
C THR B 201 16.08 17.37 4.33
N GLU B 202 15.29 17.61 3.28
CA GLU B 202 15.72 18.55 2.25
C GLU B 202 15.45 19.99 2.70
N GLY B 203 14.58 20.19 3.70
CA GLY B 203 14.13 21.50 4.13
C GLY B 203 14.45 21.78 5.60
N LEU B 204 13.40 21.92 6.42
CA LEU B 204 13.51 22.29 7.82
C LEU B 204 14.02 21.14 8.67
N ALA B 205 13.91 19.92 8.14
CA ALA B 205 14.39 18.70 8.81
C ALA B 205 13.72 18.52 10.17
N LEU B 206 12.40 18.65 10.21
CA LEU B 206 11.60 18.42 11.41
C LEU B 206 11.34 16.92 11.55
N THR B 207 11.40 16.20 10.43
CA THR B 207 11.33 14.74 10.45
C THR B 207 12.59 14.22 9.78
N GLY B 208 12.90 12.93 9.99
CA GLY B 208 14.07 12.31 9.39
C GLY B 208 13.71 11.54 8.12
N LEU B 209 14.71 10.82 7.58
CA LEU B 209 14.61 10.16 6.30
C LEU B 209 13.51 9.09 6.33
N TYR B 210 13.34 8.44 7.49
CA TYR B 210 12.49 7.27 7.62
C TYR B 210 11.03 7.62 7.39
N GLY B 211 10.57 8.67 8.10
CA GLY B 211 9.21 9.17 7.98
C GLY B 211 8.97 9.85 6.62
N GLU B 212 9.97 10.60 6.14
CA GLU B 212 9.87 11.24 4.83
C GLU B 212 9.60 10.19 3.76
N THR B 213 10.41 9.11 3.76
CA THR B 213 10.36 8.08 2.73
C THR B 213 9.01 7.37 2.79
N LEU B 214 8.51 7.14 4.01
CA LEU B 214 7.20 6.52 4.22
C LEU B 214 6.12 7.39 3.57
N LEU B 215 6.19 8.69 3.84
CA LEU B 215 5.20 9.65 3.36
C LEU B 215 5.23 9.73 1.83
N PHE B 216 6.43 9.84 1.26
CA PHE B 216 6.58 9.81 -0.20
C PHE B 216 5.98 8.52 -0.76
N MET B 217 6.21 7.39 -0.06
CA MET B 217 5.77 6.10 -0.56
C MET B 217 4.23 6.06 -0.67
N VAL B 218 3.54 6.56 0.37
CA VAL B 218 2.08 6.55 0.39
C VAL B 218 1.54 7.47 -0.71
N LEU B 219 2.03 8.71 -0.73
CA LEU B 219 1.66 9.67 -1.77
C LEU B 219 1.87 9.06 -3.16
N ASP B 220 3.04 8.43 -3.37
CA ASP B 220 3.37 7.83 -4.65
C ASP B 220 2.37 6.73 -5.02
N LEU B 221 2.06 5.84 -4.04
CA LEU B 221 1.16 4.73 -4.31
C LEU B 221 -0.24 5.22 -4.64
N VAL B 222 -0.71 6.24 -3.91
CA VAL B 222 -2.05 6.75 -4.14
C VAL B 222 -2.08 7.46 -5.51
N ALA B 223 -1.08 8.32 -5.72
CA ALA B 223 -1.08 9.18 -6.89
C ALA B 223 -0.88 8.39 -8.19
N LYS B 224 -0.31 7.17 -8.09
CA LYS B 224 -0.02 6.39 -9.30
C LYS B 224 -0.92 5.14 -9.41
N VAL B 225 -0.73 4.20 -8.48
CA VAL B 225 -1.50 2.95 -8.50
C VAL B 225 -2.99 3.24 -8.28
N GLY B 226 -3.31 4.03 -7.24
CA GLY B 226 -4.69 4.38 -6.92
C GLY B 226 -5.36 5.11 -8.07
N PHE B 227 -4.69 6.16 -8.56
CA PHE B 227 -5.14 6.95 -9.70
C PHE B 227 -5.38 6.02 -10.89
N GLY B 228 -4.35 5.22 -11.22
CA GLY B 228 -4.46 4.33 -12.36
C GLY B 228 -5.69 3.46 -12.25
N PHE B 229 -5.87 2.87 -11.06
CA PHE B 229 -6.97 1.96 -10.81
C PHE B 229 -8.29 2.65 -11.12
N ILE B 230 -8.47 3.87 -10.58
CA ILE B 230 -9.74 4.58 -10.70
C ILE B 230 -10.03 4.86 -12.19
N LEU B 231 -8.97 5.21 -12.94
CA LEU B 231 -9.08 5.61 -14.34
C LEU B 231 -9.42 4.41 -15.22
N LEU B 232 -8.71 3.29 -15.03
CA LEU B 232 -8.86 2.14 -15.93
C LEU B 232 -10.18 1.40 -15.71
N ARG B 233 -10.73 1.47 -14.50
CA ARG B 233 -11.95 0.75 -14.18
C ARG B 233 -13.17 1.61 -14.53
N SER B 234 -12.95 2.84 -15.01
CA SER B 234 -14.06 3.74 -15.33
C SER B 234 -14.66 3.35 -16.67
N ARG B 235 -15.97 3.56 -16.83
CA ARG B 235 -16.68 3.41 -18.10
C ARG B 235 -16.20 4.46 -19.09
N ALA B 236 -15.66 5.58 -18.59
CA ALA B 236 -15.28 6.71 -19.41
C ALA B 236 -14.21 6.31 -20.43
N ILE B 237 -13.33 5.37 -20.08
CA ILE B 237 -12.23 5.08 -20.98
C ILE B 237 -12.64 3.97 -21.94
N MET B 238 -13.75 3.28 -21.65
CA MET B 238 -14.15 2.04 -22.31
C MET B 238 -14.70 2.30 -23.72
N GLY B 239 -15.22 3.51 -23.95
CA GLY B 239 -15.58 3.95 -25.29
C GLY B 239 -14.39 3.95 -26.23
#